data_1RV6
#
_entry.id   1RV6
#
_cell.length_a   54.281
_cell.length_b   71.979
_cell.length_c   115.346
_cell.angle_alpha   90.00
_cell.angle_beta   90.00
_cell.angle_gamma   90.00
#
_symmetry.space_group_name_H-M   'P 21 21 21'
#
loop_
_entity.id
_entity.type
_entity.pdbx_description
1 polymer 'placenta growth factor (PlGF)'
2 polymer 'FLT1 protein'
3 non-polymer 2-[3-(2-HYDROXY-1,1-DIHYDROXYMETHYL-ETHYLAMINO)-PROPYLAMINO]-2-HYDROXYMETHYL-PROPANE-1,3-DIOL
4 water water
#
loop_
_entity_poly.entity_id
_entity_poly.type
_entity_poly.pdbx_seq_one_letter_code
_entity_poly.pdbx_strand_id
1 'polypeptide(L)'
;EVEVVPFQEVWGRSYCRALERLVDVVSEYPSEVEHMFSPSCVSLLRCTGCCGDENLHCVPVETANVTMQLLKIRSGDRPS
YVELTFSQHVRCECRPLREKM
;
V,W
2 'polypeptide(L)'
;DTGRPFVEMYSEIPEIIHMTEGRELVIPCRVTSPNITVTLKKFPLDTLIPDGKRIIWDSRKGFIISNATYKEIGLLTCEA
TVNGHLYKTNYLTHRQTNTI
;
X,Y
#
# COMPACT_ATOMS: atom_id res chain seq x y z
N VAL A 4 -8.00 -11.60 -14.56
CA VAL A 4 -8.64 -10.26 -14.72
C VAL A 4 -9.27 -9.75 -13.42
N VAL A 5 -8.84 -8.56 -12.98
CA VAL A 5 -9.42 -7.93 -11.80
C VAL A 5 -10.81 -7.44 -12.16
N PRO A 6 -11.86 -7.93 -11.48
CA PRO A 6 -13.23 -7.52 -11.82
C PRO A 6 -13.45 -6.06 -11.44
N PHE A 7 -14.32 -5.38 -12.21
CA PHE A 7 -14.50 -3.96 -12.11
C PHE A 7 -14.69 -3.43 -10.69
N GLN A 8 -15.48 -4.15 -9.89
CA GLN A 8 -15.75 -3.67 -8.56
C GLN A 8 -14.53 -3.70 -7.68
N GLU A 9 -13.62 -4.61 -7.98
CA GLU A 9 -12.34 -4.62 -7.25
C GLU A 9 -11.47 -3.47 -7.74
N VAL A 10 -11.51 -3.19 -9.05
CA VAL A 10 -10.69 -2.14 -9.64
C VAL A 10 -11.13 -0.86 -8.96
N TRP A 11 -12.46 -0.69 -8.90
CA TRP A 11 -13.08 0.46 -8.26
C TRP A 11 -12.66 0.59 -6.79
N GLY A 12 -12.91 -0.46 -6.00
CA GLY A 12 -12.61 -0.47 -4.58
C GLY A 12 -11.14 -0.16 -4.28
N ARG A 13 -10.28 -0.52 -5.22
CA ARG A 13 -8.84 -0.42 -5.03
C ARG A 13 -8.31 1.01 -5.21
N SER A 14 -9.08 1.89 -5.88
CA SER A 14 -8.59 3.23 -6.25
C SER A 14 -9.48 4.36 -5.76
N TYR A 15 -10.63 4.02 -5.18
CA TYR A 15 -11.68 5.00 -4.89
C TYR A 15 -11.32 5.99 -3.78
N CYS A 16 -11.23 5.51 -2.55
CA CYS A 16 -10.86 6.34 -1.40
C CYS A 16 -10.52 5.46 -0.25
N ARG A 17 -9.24 5.37 0.09
CA ARG A 17 -8.88 4.44 1.15
C ARG A 17 -7.60 4.77 1.87
N ALA A 18 -7.46 4.20 3.07
CA ALA A 18 -6.22 4.32 3.84
C ALA A 18 -5.23 3.30 3.31
N LEU A 19 -4.22 3.79 2.60
CA LEU A 19 -3.20 3.01 1.91
C LEU A 19 -1.81 3.17 2.52
N GLU A 20 -1.09 2.08 2.74
CA GLU A 20 0.32 2.14 3.15
C GLU A 20 1.10 2.99 2.17
N ARG A 21 1.72 4.07 2.64
CA ARG A 21 2.83 4.62 1.87
C ARG A 21 4.04 4.87 2.78
N LEU A 22 5.21 5.03 2.16
CA LEU A 22 6.43 5.30 2.90
C LEU A 22 6.56 6.78 3.11
N VAL A 23 6.73 7.18 4.37
CA VAL A 23 6.82 8.58 4.75
C VAL A 23 8.15 8.83 5.44
N ASP A 24 8.84 9.89 5.06
CA ASP A 24 10.04 10.29 5.78
C ASP A 24 9.77 10.65 7.22
N VAL A 25 10.67 10.17 8.08
CA VAL A 25 10.66 10.49 9.51
C VAL A 25 10.74 12.00 9.72
N VAL A 26 11.66 12.68 9.02
CA VAL A 26 11.82 14.13 9.16
C VAL A 26 10.54 14.89 8.74
N SER A 27 9.68 14.28 7.93
CA SER A 27 8.41 14.95 7.61
C SER A 27 7.40 14.82 8.77
N GLU A 28 7.58 13.87 9.67
CA GLU A 28 6.78 13.85 10.89
C GLU A 28 7.51 14.53 12.08
N TYR A 29 8.84 14.55 12.05
CA TYR A 29 9.63 15.19 13.09
C TYR A 29 10.59 16.21 12.51
N PRO A 30 10.06 17.27 11.90
CA PRO A 30 10.91 18.26 11.20
C PRO A 30 11.91 19.02 12.06
N SER A 31 11.73 19.02 13.38
CA SER A 31 12.76 19.62 14.25
C SER A 31 14.04 18.76 14.35
N GLU A 32 13.97 17.52 13.85
CA GLU A 32 15.13 16.63 13.80
C GLU A 32 15.85 16.86 12.47
N VAL A 33 16.73 17.86 12.44
CA VAL A 33 17.33 18.31 11.21
C VAL A 33 18.74 17.79 11.12
N GLU A 34 19.48 18.05 12.18
CA GLU A 34 20.85 17.63 12.39
C GLU A 34 21.10 16.15 12.02
N HIS A 35 20.11 15.30 12.26
CA HIS A 35 20.36 13.87 12.22
C HIS A 35 19.56 13.01 11.26
N MET A 36 19.88 11.74 11.39
CA MET A 36 19.47 10.72 10.46
C MET A 36 18.84 9.63 11.30
N PHE A 37 17.56 9.45 11.13
CA PHE A 37 16.94 8.30 11.72
C PHE A 37 17.17 7.06 10.87
N SER A 38 17.11 5.92 11.52
CA SER A 38 17.25 4.65 10.84
C SER A 38 16.11 3.71 11.28
N PRO A 39 15.20 3.34 10.37
CA PRO A 39 15.21 3.73 8.94
C PRO A 39 14.75 5.17 8.81
N SER A 40 15.08 5.80 7.68
CA SER A 40 14.83 7.22 7.52
C SER A 40 13.39 7.48 7.08
N CYS A 41 12.68 6.40 6.74
CA CYS A 41 11.28 6.48 6.39
C CYS A 41 10.53 5.33 7.02
N VAL A 42 9.25 5.55 7.30
CA VAL A 42 8.43 4.55 7.94
C VAL A 42 7.18 4.35 7.11
N SER A 43 6.57 3.18 7.28
CA SER A 43 5.27 2.88 6.66
C SER A 43 4.09 3.43 7.45
N LEU A 44 3.31 4.32 6.82
CA LEU A 44 2.09 4.86 7.44
C LEU A 44 0.86 4.65 6.54
N LEU A 45 -0.31 4.45 7.15
CA LEU A 45 -1.58 4.40 6.40
C LEU A 45 -2.04 5.81 6.04
N ARG A 46 -2.24 6.08 4.75
CA ARG A 46 -2.66 7.44 4.33
C ARG A 46 -3.81 7.36 3.35
N CYS A 47 -4.73 8.30 3.51
CA CYS A 47 -5.89 8.41 2.65
C CYS A 47 -5.51 8.84 1.23
N THR A 48 -5.88 8.02 0.25
CA THR A 48 -5.61 8.34 -1.16
C THR A 48 -6.76 7.83 -2.05
N GLY A 49 -7.01 8.48 -3.20
CA GLY A 49 -7.96 7.93 -4.14
C GLY A 49 -8.46 8.85 -5.22
N CYS A 50 -9.04 8.31 -6.30
CA CYS A 50 -9.60 9.18 -7.32
C CYS A 50 -11.04 9.64 -7.03
N CYS A 51 -11.69 9.02 -6.05
CA CYS A 51 -12.97 9.52 -5.52
C CYS A 51 -14.13 9.60 -6.51
N GLY A 52 -13.94 8.98 -7.67
CA GLY A 52 -14.95 9.01 -8.72
C GLY A 52 -15.18 10.36 -9.35
N ASP A 53 -14.39 11.35 -8.94
CA ASP A 53 -14.53 12.72 -9.44
C ASP A 53 -13.20 13.44 -9.28
N GLU A 54 -12.74 14.13 -10.30
CA GLU A 54 -11.50 14.88 -10.14
C GLU A 54 -11.65 16.17 -9.32
N ASN A 55 -12.87 16.43 -8.84
CA ASN A 55 -13.13 17.60 -7.99
C ASN A 55 -13.42 17.24 -6.53
N LEU A 56 -13.22 15.97 -6.19
CA LEU A 56 -13.25 15.56 -4.80
C LEU A 56 -11.87 14.98 -4.50
N HIS A 57 -11.50 14.95 -3.23
CA HIS A 57 -10.31 14.22 -2.81
C HIS A 57 -10.53 13.46 -1.52
N CYS A 58 -9.71 12.45 -1.32
CA CYS A 58 -9.88 11.48 -0.23
C CYS A 58 -9.13 11.93 1.05
N VAL A 59 -9.89 12.24 2.09
CA VAL A 59 -9.39 12.79 3.36
C VAL A 59 -9.72 11.93 4.58
N PRO A 60 -8.87 11.95 5.59
CA PRO A 60 -9.12 11.20 6.82
C PRO A 60 -10.32 11.70 7.60
N VAL A 61 -11.11 10.77 8.08
CA VAL A 61 -12.32 11.09 8.79
C VAL A 61 -12.24 10.53 10.22
N GLU A 62 -11.36 9.54 10.39
CA GLU A 62 -11.02 8.93 11.68
C GLU A 62 -9.54 8.56 11.64
N THR A 63 -8.78 8.95 12.67
CA THR A 63 -7.35 8.59 12.80
C THR A 63 -7.00 7.85 14.10
N ALA A 64 -5.78 7.31 14.16
CA ALA A 64 -5.26 6.71 15.39
C ALA A 64 -3.73 6.78 15.46
N ASN A 65 -3.19 6.69 16.69
CA ASN A 65 -1.72 6.70 16.90
C ASN A 65 -1.07 5.34 16.84
N VAL A 66 0.11 5.27 16.23
CA VAL A 66 1.04 4.14 16.36
C VAL A 66 2.42 4.61 16.82
N THR A 67 3.11 3.76 17.58
CA THR A 67 4.46 4.03 18.06
C THR A 67 5.39 2.99 17.48
N MET A 68 6.55 3.46 17.01
CA MET A 68 7.53 2.59 16.37
C MET A 68 8.87 2.80 17.00
N GLN A 69 9.63 1.71 17.02
CA GLN A 69 11.02 1.72 17.43
C GLN A 69 11.90 2.16 16.24
N LEU A 70 12.70 3.18 16.47
CA LEU A 70 13.65 3.62 15.45
C LEU A 70 15.01 3.82 16.10
N LEU A 71 16.04 3.99 15.25
CA LEU A 71 17.35 4.37 15.74
C LEU A 71 17.80 5.72 15.17
N LYS A 72 18.62 6.39 15.95
CA LYS A 72 19.18 7.65 15.56
C LYS A 72 20.66 7.36 15.61
N ILE A 73 21.28 7.35 14.42
CA ILE A 73 22.74 7.24 14.32
C ILE A 73 23.24 8.68 14.27
N ARG A 74 24.09 9.00 15.24
CA ARG A 74 24.41 10.40 15.47
C ARG A 74 25.70 10.88 14.78
N SER A 75 25.75 12.19 14.52
CA SER A 75 26.94 12.94 14.09
C SER A 75 28.28 12.39 14.62
N GLY A 76 28.40 12.34 15.95
CA GLY A 76 29.58 11.81 16.61
C GLY A 76 29.38 11.54 18.10
N ASP A 77 28.18 11.84 18.60
CA ASP A 77 27.82 11.70 20.01
C ASP A 77 27.78 10.24 20.49
N ARG A 78 27.14 9.35 19.70
CA ARG A 78 26.81 7.93 19.99
C ARG A 78 25.41 7.66 19.43
N PRO A 79 25.08 6.40 19.09
CA PRO A 79 23.71 6.02 18.66
C PRO A 79 22.61 5.91 19.76
N SER A 80 21.37 6.24 19.42
CA SER A 80 20.26 6.19 20.37
C SER A 80 19.08 5.37 19.88
N TYR A 81 18.35 4.78 20.83
CA TYR A 81 17.04 4.17 20.55
C TYR A 81 15.96 5.22 20.79
N VAL A 82 14.91 5.20 20.00
CA VAL A 82 13.86 6.19 20.17
C VAL A 82 12.53 5.54 19.82
N GLU A 83 11.47 5.93 20.49
CA GLU A 83 10.15 5.44 20.13
C GLU A 83 9.35 6.63 19.58
N LEU A 84 9.04 6.60 18.31
CA LEU A 84 8.39 7.74 17.68
C LEU A 84 6.92 7.48 17.44
N THR A 85 6.06 8.41 17.88
CA THR A 85 4.65 8.28 17.57
C THR A 85 4.28 9.00 16.28
N PHE A 86 3.44 8.34 15.51
CA PHE A 86 2.87 8.89 14.28
C PHE A 86 1.37 8.72 14.30
N SER A 87 0.72 9.40 13.36
CA SER A 87 -0.74 9.35 13.23
C SER A 87 -1.13 8.53 11.98
N GLN A 88 -1.93 7.47 12.18
CA GLN A 88 -2.44 6.59 11.10
C GLN A 88 -3.81 7.04 10.62
N HIS A 89 -4.09 6.95 9.32
CA HIS A 89 -5.45 7.16 8.85
C HIS A 89 -6.25 5.86 8.95
N VAL A 90 -7.34 5.87 9.71
CA VAL A 90 -8.13 4.67 9.93
C VAL A 90 -9.32 4.58 8.97
N ARG A 91 -9.99 5.73 8.75
CA ARG A 91 -11.11 5.83 7.80
C ARG A 91 -10.95 7.03 6.91
N CYS A 92 -11.38 6.88 5.67
CA CYS A 92 -11.32 7.95 4.73
C CYS A 92 -12.69 8.22 4.16
N GLU A 93 -12.85 9.44 3.64
CA GLU A 93 -14.02 9.81 2.86
C GLU A 93 -13.71 10.83 1.77
N CYS A 94 -14.58 10.90 0.77
CA CYS A 94 -14.48 11.90 -0.28
C CYS A 94 -15.16 13.21 0.11
N ARG A 95 -14.42 14.30 0.05
CA ARG A 95 -14.97 15.62 0.34
C ARG A 95 -14.58 16.61 -0.77
N PRO A 96 -15.40 17.65 -0.98
CA PRO A 96 -15.07 18.77 -1.90
C PRO A 96 -13.69 19.41 -1.65
N LEU A 97 -12.88 19.58 -2.70
CA LEU A 97 -11.56 20.24 -2.61
C LEU A 97 -11.67 21.63 -1.95
N GLU B 3 1.73 -3.55 20.84
CA GLU B 3 1.63 -2.07 20.98
C GLU B 3 2.73 -1.34 20.19
N VAL B 4 3.93 -1.25 20.76
CA VAL B 4 5.04 -0.60 20.07
C VAL B 4 5.56 -1.52 18.97
N VAL B 5 5.51 -1.06 17.72
CA VAL B 5 6.05 -1.81 16.57
C VAL B 5 7.56 -2.04 16.70
N PRO B 6 7.95 -3.31 16.73
CA PRO B 6 9.35 -3.65 16.96
C PRO B 6 10.22 -3.21 15.79
N PHE B 7 11.47 -2.89 16.12
CA PHE B 7 12.38 -2.31 15.18
C PHE B 7 12.53 -3.06 13.84
N GLN B 8 12.64 -4.38 13.89
CA GLN B 8 12.86 -5.14 12.64
C GLN B 8 11.64 -5.10 11.74
N GLU B 9 10.49 -5.06 12.35
CA GLU B 9 9.25 -4.88 11.60
C GLU B 9 9.20 -3.46 10.97
N VAL B 10 9.64 -2.47 11.74
CA VAL B 10 9.78 -1.11 11.21
C VAL B 10 10.74 -1.05 10.02
N TRP B 11 11.92 -1.64 10.20
CA TRP B 11 12.92 -1.74 9.15
C TRP B 11 12.36 -2.45 7.93
N GLY B 12 11.82 -3.64 8.14
CA GLY B 12 11.34 -4.46 7.03
C GLY B 12 10.20 -3.86 6.20
N ARG B 13 9.37 -3.06 6.84
CA ARG B 13 8.22 -2.51 6.15
C ARG B 13 8.53 -1.32 5.28
N SER B 14 9.69 -0.70 5.50
CA SER B 14 10.02 0.47 4.71
C SER B 14 11.33 0.35 3.90
N TYR B 15 11.92 -0.86 3.86
CA TYR B 15 13.27 -1.06 3.33
C TYR B 15 13.34 -0.93 1.80
N CYS B 16 12.63 -1.84 1.11
CA CYS B 16 12.59 -1.93 -0.35
C CYS B 16 11.55 -2.96 -0.72
N ARG B 17 10.43 -2.49 -1.24
CA ARG B 17 9.18 -3.27 -1.31
C ARG B 17 8.30 -2.79 -2.47
N ALA B 18 7.53 -3.69 -3.04
CA ALA B 18 6.50 -3.31 -4.01
C ALA B 18 5.22 -2.96 -3.27
N LEU B 19 4.79 -1.70 -3.34
CA LEU B 19 3.52 -1.29 -2.71
C LEU B 19 2.53 -0.73 -3.71
N GLU B 20 1.25 -0.92 -3.40
CA GLU B 20 0.16 -0.32 -4.16
C GLU B 20 0.26 1.19 -4.08
N ARG B 21 0.22 1.84 -5.24
CA ARG B 21 -0.05 3.27 -5.32
C ARG B 21 -0.96 3.60 -6.53
N LEU B 22 -1.69 4.71 -6.45
CA LEU B 22 -2.67 5.02 -7.50
C LEU B 22 -1.98 5.70 -8.67
N VAL B 23 -2.21 5.15 -9.85
CA VAL B 23 -1.62 5.65 -11.08
C VAL B 23 -2.79 5.95 -11.98
N ASP B 24 -2.78 7.08 -12.65
CA ASP B 24 -3.95 7.35 -13.44
C ASP B 24 -3.86 6.84 -14.86
N VAL B 25 -5.00 6.38 -15.36
CA VAL B 25 -5.03 5.52 -16.52
C VAL B 25 -4.49 6.25 -17.75
N VAL B 26 -4.96 7.46 -17.99
CA VAL B 26 -4.48 8.23 -19.14
C VAL B 26 -2.96 8.45 -19.11
N SER B 27 -2.33 8.39 -17.94
CA SER B 27 -0.86 8.47 -17.92
C SER B 27 -0.21 7.15 -18.40
N GLU B 28 -0.83 6.02 -18.10
CA GLU B 28 -0.43 4.75 -18.72
C GLU B 28 -0.80 4.64 -20.20
N TYR B 29 -1.93 5.24 -20.60
CA TYR B 29 -2.35 5.22 -22.02
C TYR B 29 -2.54 6.62 -22.67
N PRO B 30 -1.44 7.36 -22.86
CA PRO B 30 -1.52 8.73 -23.41
C PRO B 30 -2.26 8.89 -24.74
N SER B 31 -2.37 7.85 -25.56
CA SER B 31 -3.12 7.93 -26.83
C SER B 31 -4.62 8.02 -26.55
N GLU B 32 -4.99 7.76 -25.31
CA GLU B 32 -6.38 7.86 -24.88
C GLU B 32 -6.81 9.19 -24.17
N VAL B 33 -6.03 10.27 -24.28
CA VAL B 33 -6.29 11.55 -23.58
C VAL B 33 -7.65 12.17 -23.82
N GLU B 34 -8.11 12.15 -25.06
CA GLU B 34 -9.41 12.69 -25.43
C GLU B 34 -10.59 12.00 -24.71
N HIS B 35 -10.35 10.80 -24.16
CA HIS B 35 -11.43 9.99 -23.54
C HIS B 35 -11.34 10.00 -22.01
N MET B 36 -12.32 9.41 -21.36
CA MET B 36 -12.30 9.27 -19.90
C MET B 36 -12.49 7.82 -19.47
N PHE B 37 -11.83 7.43 -18.39
CA PHE B 37 -11.95 6.07 -17.88
C PHE B 37 -12.48 6.15 -16.50
N SER B 38 -13.21 5.11 -16.13
CA SER B 38 -13.75 5.04 -14.80
C SER B 38 -13.40 3.69 -14.18
N PRO B 39 -12.62 3.67 -13.10
CA PRO B 39 -12.13 4.90 -12.43
C PRO B 39 -10.99 5.51 -13.25
N SER B 40 -10.54 6.73 -12.94
CA SER B 40 -9.52 7.39 -13.77
C SER B 40 -8.15 7.00 -13.28
N CYS B 41 -8.13 6.41 -12.09
CA CYS B 41 -6.86 5.92 -11.61
C CYS B 41 -7.02 4.47 -11.22
N VAL B 42 -5.92 3.74 -11.29
CA VAL B 42 -5.91 2.34 -10.87
C VAL B 42 -4.78 2.08 -9.92
N SER B 43 -4.94 1.06 -9.09
CA SER B 43 -3.89 0.65 -8.15
C SER B 43 -2.87 -0.29 -8.77
N LEU B 44 -1.61 0.13 -8.84
CA LEU B 44 -0.52 -0.78 -9.31
C LEU B 44 0.59 -1.00 -8.28
N LEU B 45 1.24 -2.16 -8.30
CA LEU B 45 2.44 -2.38 -7.48
C LEU B 45 3.63 -1.58 -8.02
N ARG B 46 4.20 -0.72 -7.18
CA ARG B 46 5.43 0.04 -7.49
C ARG B 46 6.50 -0.05 -6.39
N CYS B 47 7.75 -0.23 -6.81
CA CYS B 47 8.86 -0.37 -5.88
C CYS B 47 9.03 0.91 -5.12
N THR B 48 9.17 0.77 -3.81
CA THR B 48 9.33 1.94 -2.95
C THR B 48 10.12 1.56 -1.71
N GLY B 49 10.85 2.53 -1.14
CA GLY B 49 11.73 2.22 -0.02
C GLY B 49 12.91 3.17 0.24
N CYS B 50 13.45 3.14 1.46
CA CYS B 50 14.60 3.98 1.81
C CYS B 50 15.95 3.26 1.76
N CYS B 51 15.94 1.93 1.64
CA CYS B 51 17.15 1.18 1.21
C CYS B 51 18.34 1.19 2.20
N GLY B 52 18.12 1.79 3.38
CA GLY B 52 19.12 1.90 4.43
C GLY B 52 20.21 2.94 4.16
N ASP B 53 20.02 3.77 3.15
CA ASP B 53 21.12 4.61 2.69
C ASP B 53 20.56 5.67 1.81
N GLU B 54 20.95 6.90 2.07
CA GLU B 54 20.46 8.04 1.31
C GLU B 54 20.86 8.01 -0.17
N ASN B 55 21.91 7.27 -0.53
CA ASN B 55 22.35 7.21 -1.94
C ASN B 55 21.96 5.93 -2.67
N LEU B 56 21.02 5.18 -2.10
CA LEU B 56 20.41 4.03 -2.78
C LEU B 56 18.92 4.29 -3.03
N HIS B 57 18.39 3.63 -4.05
CA HIS B 57 16.94 3.65 -4.29
C HIS B 57 16.41 2.27 -4.65
N CYS B 58 15.12 2.08 -4.43
CA CYS B 58 14.46 0.81 -4.63
C CYS B 58 13.91 0.76 -6.04
N VAL B 59 14.36 -0.21 -6.83
CA VAL B 59 13.95 -0.32 -8.23
C VAL B 59 13.41 -1.72 -8.59
N PRO B 60 12.52 -1.78 -9.57
CA PRO B 60 11.94 -3.06 -9.96
C PRO B 60 13.01 -3.94 -10.55
N VAL B 61 13.05 -5.20 -10.13
CA VAL B 61 13.97 -6.15 -10.72
C VAL B 61 13.20 -7.19 -11.55
N GLU B 62 11.88 -7.21 -11.35
CA GLU B 62 10.98 -8.14 -12.05
C GLU B 62 9.58 -7.50 -12.20
N THR B 63 8.96 -7.70 -13.37
CA THR B 63 7.60 -7.19 -13.65
C THR B 63 6.62 -8.29 -14.10
N ALA B 64 5.34 -7.94 -14.10
CA ALA B 64 4.28 -8.82 -14.55
C ALA B 64 3.05 -7.98 -14.96
N ASN B 65 2.28 -8.51 -15.90
CA ASN B 65 1.07 -7.85 -16.35
C ASN B 65 -0.12 -8.14 -15.44
N VAL B 66 -0.94 -7.12 -15.24
CA VAL B 66 -2.28 -7.28 -14.72
C VAL B 66 -3.27 -6.72 -15.71
N THR B 67 -4.36 -7.45 -15.87
CA THR B 67 -5.48 -7.00 -16.67
C THR B 67 -6.64 -6.52 -15.80
N MET B 68 -7.14 -5.34 -16.12
CA MET B 68 -8.16 -4.71 -15.28
C MET B 68 -9.39 -4.36 -16.09
N GLN B 69 -10.53 -4.57 -15.46
CA GLN B 69 -11.82 -4.25 -16.04
C GLN B 69 -12.10 -2.78 -15.75
N LEU B 70 -12.37 -2.00 -16.79
CA LEU B 70 -12.72 -0.58 -16.66
C LEU B 70 -13.92 -0.19 -17.53
N LEU B 71 -14.38 1.04 -17.32
CA LEU B 71 -15.38 1.71 -18.13
C LEU B 71 -14.72 2.84 -18.89
N LYS B 72 -15.02 2.93 -20.18
CA LYS B 72 -14.50 4.01 -21.03
C LYS B 72 -15.64 4.93 -21.47
N ILE B 73 -15.52 6.21 -21.16
CA ILE B 73 -16.56 7.19 -21.49
C ILE B 73 -16.02 8.03 -22.66
N ARG B 74 -16.84 8.20 -23.67
CA ARG B 74 -16.41 8.76 -24.95
C ARG B 74 -17.26 10.00 -25.25
N SER B 75 -16.66 11.01 -25.86
CA SER B 75 -17.41 12.23 -26.15
C SER B 75 -18.21 12.06 -27.45
N GLY B 76 -19.53 11.88 -27.29
CA GLY B 76 -20.44 11.73 -28.42
C GLY B 76 -20.84 10.30 -28.74
N ASP B 77 -20.04 9.32 -28.30
CA ASP B 77 -20.27 7.90 -28.63
C ASP B 77 -20.79 7.16 -27.39
N ARG B 78 -21.28 5.95 -27.57
CA ARG B 78 -21.65 5.13 -26.43
C ARG B 78 -20.41 4.76 -25.58
N PRO B 79 -20.62 4.59 -24.27
CA PRO B 79 -19.55 4.13 -23.38
C PRO B 79 -19.25 2.62 -23.59
N SER B 80 -18.11 2.11 -23.09
CA SER B 80 -17.80 0.67 -23.24
C SER B 80 -17.10 0.07 -22.04
N TYR B 81 -17.45 -1.20 -21.80
CA TYR B 81 -16.66 -2.10 -20.97
C TYR B 81 -15.37 -2.35 -21.71
N VAL B 82 -14.26 -2.25 -20.99
CA VAL B 82 -12.94 -2.34 -21.59
C VAL B 82 -12.03 -3.18 -20.65
N GLU B 83 -11.03 -3.85 -21.19
CA GLU B 83 -10.06 -4.58 -20.37
C GLU B 83 -8.67 -4.06 -20.78
N LEU B 84 -7.96 -3.44 -19.83
CA LEU B 84 -6.62 -2.89 -20.04
C LEU B 84 -5.57 -3.64 -19.25
N THR B 85 -4.38 -3.79 -19.84
CA THR B 85 -3.27 -4.40 -19.13
C THR B 85 -2.30 -3.32 -18.68
N PHE B 86 -1.71 -3.53 -17.51
CA PHE B 86 -0.64 -2.65 -17.00
C PHE B 86 0.49 -3.52 -16.46
N SER B 87 1.69 -2.95 -16.37
CA SER B 87 2.85 -3.65 -15.83
C SER B 87 3.03 -3.32 -14.33
N GLN B 88 3.05 -4.35 -13.48
CA GLN B 88 3.28 -4.22 -12.03
C GLN B 88 4.75 -4.49 -11.72
N HIS B 89 5.26 -3.86 -10.66
CA HIS B 89 6.54 -4.26 -10.08
C HIS B 89 6.30 -5.44 -9.13
N VAL B 90 7.00 -6.54 -9.35
CA VAL B 90 6.80 -7.77 -8.58
C VAL B 90 7.96 -8.04 -7.60
N ARG B 91 9.17 -7.64 -7.95
CA ARG B 91 10.34 -7.85 -7.07
C ARG B 91 11.22 -6.64 -7.21
N CYS B 92 11.78 -6.24 -6.08
CA CYS B 92 12.46 -4.96 -5.98
C CYS B 92 13.78 -5.20 -5.30
N GLU B 93 14.76 -4.42 -5.66
CA GLU B 93 16.00 -4.42 -4.89
C GLU B 93 16.64 -3.04 -4.93
N CYS B 94 17.58 -2.83 -4.04
CA CYS B 94 18.22 -1.55 -3.85
C CYS B 94 19.39 -1.33 -4.86
N ARG B 95 19.39 -0.19 -5.54
CA ARG B 95 20.52 0.19 -6.40
C ARG B 95 20.93 1.67 -6.17
N PRO B 96 22.14 2.05 -6.60
CA PRO B 96 22.62 3.46 -6.53
C PRO B 96 21.94 4.51 -7.45
N LEU B 97 21.85 5.74 -6.94
CA LEU B 97 21.44 6.93 -7.68
C LEU B 97 22.54 7.31 -8.69
N ARG C 4 22.99 -21.22 23.99
CA ARG C 4 23.24 -19.98 23.21
C ARG C 4 24.69 -19.89 22.71
N PRO C 5 24.86 -19.97 21.38
CA PRO C 5 26.17 -20.10 20.72
C PRO C 5 26.98 -18.80 20.54
N PHE C 6 26.31 -17.66 20.32
CA PHE C 6 26.99 -16.39 20.14
C PHE C 6 27.47 -15.81 21.46
N VAL C 7 28.61 -15.12 21.43
CA VAL C 7 29.25 -14.54 22.61
C VAL C 7 28.54 -13.24 23.07
N GLU C 8 28.17 -12.40 22.10
CA GLU C 8 27.51 -11.12 22.33
C GLU C 8 26.07 -11.12 21.77
N MET C 9 25.06 -11.29 22.64
CA MET C 9 23.61 -11.33 22.26
C MET C 9 23.06 -10.02 21.62
N TYR C 10 22.72 -10.05 20.31
CA TYR C 10 21.87 -8.97 19.69
C TYR C 10 20.58 -9.50 18.99
N SER C 11 19.53 -9.78 19.80
CA SER C 11 18.27 -10.42 19.35
C SER C 11 17.25 -9.43 18.82
N GLU C 12 17.03 -8.33 19.56
CA GLU C 12 16.01 -7.35 19.19
C GLU C 12 16.66 -6.22 18.39
N ILE C 13 17.32 -5.30 19.09
CA ILE C 13 18.02 -4.16 18.47
C ILE C 13 19.40 -4.51 17.95
N PRO C 14 19.63 -4.26 16.67
CA PRO C 14 20.92 -4.58 16.05
C PRO C 14 22.04 -3.66 16.52
N GLU C 15 23.28 -4.18 16.56
CA GLU C 15 24.49 -3.37 16.71
C GLU C 15 24.78 -2.66 15.39
N ILE C 16 25.21 -1.41 15.53
CA ILE C 16 25.57 -0.62 14.38
C ILE C 16 27.05 -0.78 14.04
N ILE C 17 27.31 -1.14 12.78
CA ILE C 17 28.65 -1.20 12.20
C ILE C 17 28.77 -0.12 11.14
N HIS C 18 29.77 0.73 11.29
CA HIS C 18 30.15 1.71 10.29
C HIS C 18 31.02 0.99 9.26
N MET C 19 30.68 1.19 8.00
CA MET C 19 31.42 0.58 6.91
C MET C 19 31.87 1.64 5.93
N THR C 20 32.99 1.36 5.27
CA THR C 20 33.50 2.22 4.21
C THR C 20 33.49 1.44 2.90
N GLU C 21 32.89 2.02 1.86
CA GLU C 21 33.05 1.57 0.47
C GLU C 21 34.46 1.05 0.20
N GLY C 22 34.56 -0.22 -0.19
CA GLY C 22 35.78 -0.83 -0.66
C GLY C 22 36.77 -1.32 0.38
N ARG C 23 36.47 -1.11 1.66
CA ARG C 23 37.38 -1.54 2.72
C ARG C 23 36.81 -2.73 3.51
N GLU C 24 37.59 -3.23 4.46
CA GLU C 24 37.20 -4.40 5.26
C GLU C 24 35.98 -4.11 6.12
N LEU C 25 35.10 -5.11 6.24
CA LEU C 25 33.87 -5.04 7.02
C LEU C 25 33.74 -6.35 7.79
N VAL C 26 33.73 -6.24 9.12
CA VAL C 26 33.63 -7.40 9.98
C VAL C 26 32.25 -7.40 10.55
N ILE C 27 31.52 -8.50 10.35
CA ILE C 27 30.27 -8.74 11.05
C ILE C 27 30.65 -9.63 12.24
N PRO C 28 30.81 -9.01 13.42
CA PRO C 28 31.58 -9.62 14.52
C PRO C 28 30.88 -10.74 15.36
N CYS C 29 30.04 -11.55 14.72
CA CYS C 29 29.26 -12.58 15.43
C CYS C 29 30.07 -13.82 15.81
N ARG C 30 31.06 -13.61 16.68
CA ARG C 30 31.95 -14.67 17.13
C ARG C 30 31.19 -15.66 18.03
N VAL C 31 31.68 -16.90 18.10
CA VAL C 31 30.99 -18.00 18.77
C VAL C 31 31.84 -18.80 19.75
N THR C 32 31.18 -19.49 20.68
CA THR C 32 31.81 -20.15 21.83
C THR C 32 32.70 -21.33 21.47
N SER C 33 32.27 -22.14 20.51
CA SER C 33 33.05 -23.28 20.05
C SER C 33 33.20 -23.25 18.52
N PRO C 34 34.41 -23.52 18.01
CA PRO C 34 34.69 -23.40 16.57
C PRO C 34 33.89 -24.34 15.67
N ASN C 35 33.14 -25.28 16.25
CA ASN C 35 32.42 -26.28 15.46
C ASN C 35 30.98 -25.91 15.03
N ILE C 36 30.51 -24.73 15.41
CA ILE C 36 29.14 -24.31 15.12
C ILE C 36 29.01 -23.71 13.71
N THR C 37 28.08 -24.21 12.89
CA THR C 37 27.86 -23.64 11.54
C THR C 37 27.06 -22.35 11.63
N VAL C 38 27.60 -21.30 11.00
CA VAL C 38 27.00 -19.97 11.05
C VAL C 38 26.73 -19.45 9.63
N THR C 39 25.56 -18.85 9.49
CA THR C 39 25.05 -18.39 8.21
C THR C 39 24.78 -16.89 8.28
N LEU C 40 25.28 -16.18 7.28
CA LEU C 40 25.15 -14.74 7.20
C LEU C 40 24.07 -14.39 6.20
N LYS C 41 23.06 -13.68 6.67
CA LYS C 41 21.94 -13.31 5.85
C LYS C 41 21.89 -11.79 5.76
N LYS C 42 21.31 -11.31 4.66
CA LYS C 42 21.13 -9.90 4.45
C LYS C 42 19.69 -9.75 3.99
N PHE C 43 18.95 -8.93 4.73
CA PHE C 43 17.54 -8.75 4.51
C PHE C 43 17.31 -8.01 3.19
N PRO C 44 16.29 -8.38 2.42
CA PRO C 44 15.33 -9.42 2.78
C PRO C 44 15.76 -10.85 2.45
N LEU C 45 16.46 -11.06 1.35
CA LEU C 45 16.61 -12.41 0.79
C LEU C 45 18.03 -13.01 0.69
N ASP C 46 19.06 -12.16 0.86
CA ASP C 46 20.43 -12.57 0.55
C ASP C 46 21.05 -13.55 1.57
N THR C 47 21.94 -14.41 1.08
CA THR C 47 22.78 -15.24 1.94
C THR C 47 24.22 -15.09 1.47
N LEU C 48 25.11 -14.73 2.39
CA LEU C 48 26.50 -14.48 2.04
C LEU C 48 27.36 -15.69 2.45
N ILE C 49 27.67 -16.56 1.50
CA ILE C 49 28.49 -17.74 1.80
C ILE C 49 29.96 -17.38 1.82
N PRO C 50 30.66 -17.74 2.89
CA PRO C 50 32.13 -17.65 2.94
C PRO C 50 32.79 -18.50 1.85
N ASP C 51 33.45 -17.85 0.90
CA ASP C 51 34.13 -18.53 -0.22
C ASP C 51 35.62 -18.73 0.07
N GLY C 52 36.07 -18.20 1.20
CA GLY C 52 37.45 -18.35 1.60
C GLY C 52 38.39 -17.19 1.29
N LYS C 53 38.00 -16.27 0.42
CA LYS C 53 38.83 -15.09 0.16
C LYS C 53 38.13 -13.75 0.27
N ARG C 54 37.06 -13.53 -0.50
CA ARG C 54 36.29 -12.28 -0.38
C ARG C 54 35.50 -12.25 0.92
N ILE C 55 34.96 -13.40 1.30
CA ILE C 55 34.22 -13.55 2.55
C ILE C 55 34.84 -14.66 3.37
N ILE C 56 35.34 -14.31 4.54
CA ILE C 56 35.94 -15.29 5.41
C ILE C 56 35.12 -15.49 6.66
N TRP C 57 34.90 -16.76 6.99
CA TRP C 57 34.37 -17.15 8.27
C TRP C 57 35.50 -17.51 9.24
N ASP C 58 35.56 -16.79 10.36
CA ASP C 58 36.53 -17.01 11.43
C ASP C 58 35.75 -17.01 12.74
N SER C 59 35.75 -18.16 13.40
CA SER C 59 34.79 -18.41 14.48
C SER C 59 35.00 -17.53 15.72
N ARG C 60 36.17 -16.93 15.84
CA ARG C 60 36.49 -16.08 16.97
C ARG C 60 36.34 -14.61 16.63
N LYS C 61 36.03 -14.32 15.37
CA LYS C 61 36.00 -12.95 14.85
C LYS C 61 34.59 -12.59 14.39
N GLY C 62 34.03 -13.48 13.57
CA GLY C 62 32.78 -13.27 12.89
C GLY C 62 32.99 -13.52 11.41
N PHE C 63 32.20 -12.83 10.59
CA PHE C 63 32.40 -12.86 9.13
C PHE C 63 33.25 -11.67 8.74
N ILE C 64 34.28 -11.92 7.95
CA ILE C 64 35.15 -10.87 7.46
C ILE C 64 34.93 -10.71 5.94
N ILE C 65 34.40 -9.56 5.53
CA ILE C 65 34.18 -9.27 4.12
C ILE C 65 35.22 -8.25 3.67
N SER C 66 36.04 -8.61 2.68
CA SER C 66 37.29 -7.91 2.41
C SER C 66 37.16 -6.61 1.61
N ASN C 67 36.14 -6.54 0.73
CA ASN C 67 35.86 -5.34 -0.07
C ASN C 67 34.36 -5.02 -0.07
N ALA C 68 33.87 -4.38 0.99
CA ALA C 68 32.45 -4.04 1.10
C ALA C 68 31.92 -3.18 -0.06
N THR C 69 30.79 -3.60 -0.61
CA THR C 69 30.06 -2.84 -1.62
C THR C 69 28.74 -2.37 -1.03
N TYR C 70 27.96 -1.62 -1.82
CA TYR C 70 26.62 -1.19 -1.45
C TYR C 70 25.68 -2.37 -1.15
N LYS C 71 25.97 -3.55 -1.67
CA LYS C 71 25.16 -4.75 -1.44
C LYS C 71 25.16 -5.18 0.03
N GLU C 72 26.12 -4.68 0.81
CA GLU C 72 26.30 -5.08 2.20
C GLU C 72 25.83 -3.99 3.15
N ILE C 73 25.19 -2.96 2.61
CA ILE C 73 24.50 -1.97 3.43
C ILE C 73 23.11 -2.44 3.84
N GLY C 74 22.85 -2.40 5.14
CA GLY C 74 21.54 -2.73 5.64
C GLY C 74 21.49 -3.66 6.83
N LEU C 75 20.49 -4.52 6.85
CA LEU C 75 20.26 -5.38 7.99
C LEU C 75 20.78 -6.78 7.74
N LEU C 76 21.79 -7.14 8.52
CA LEU C 76 22.46 -8.42 8.36
C LEU C 76 22.22 -9.25 9.61
N THR C 77 22.18 -10.56 9.43
CA THR C 77 21.83 -11.45 10.52
C THR C 77 22.71 -12.67 10.46
N CYS C 78 23.37 -12.96 11.58
CA CYS C 78 24.10 -14.24 11.73
C CYS C 78 23.11 -15.24 12.33
N GLU C 79 23.09 -16.45 11.79
CA GLU C 79 22.14 -17.45 12.25
C GLU C 79 22.88 -18.72 12.61
N ALA C 80 22.48 -19.34 13.72
CA ALA C 80 23.00 -20.63 14.12
C ALA C 80 21.93 -21.45 14.78
N THR C 81 21.93 -22.74 14.46
CA THR C 81 21.06 -23.71 15.09
C THR C 81 21.85 -24.61 16.02
N VAL C 82 21.51 -24.56 17.31
CA VAL C 82 22.08 -25.44 18.33
C VAL C 82 20.94 -26.20 19.00
N ASN C 83 21.07 -27.52 19.03
CA ASN C 83 20.08 -28.44 19.59
C ASN C 83 18.66 -28.18 19.07
N GLY C 84 18.53 -27.84 17.79
CA GLY C 84 17.25 -27.58 17.18
C GLY C 84 16.68 -26.19 17.42
N HIS C 85 17.47 -25.29 17.98
CA HIS C 85 16.99 -23.93 18.21
C HIS C 85 17.74 -22.94 17.35
N LEU C 86 17.00 -22.05 16.70
CA LEU C 86 17.62 -21.04 15.87
C LEU C 86 17.90 -19.80 16.71
N TYR C 87 19.15 -19.35 16.67
CA TYR C 87 19.58 -18.17 17.39
C TYR C 87 20.04 -17.09 16.38
N LYS C 88 19.83 -15.82 16.73
CA LYS C 88 20.07 -14.75 15.79
C LYS C 88 20.84 -13.60 16.40
N THR C 89 21.72 -13.01 15.60
CA THR C 89 22.32 -11.73 15.98
C THR C 89 22.28 -10.80 14.78
N ASN C 90 21.82 -9.58 15.02
CA ASN C 90 21.52 -8.63 13.97
C ASN C 90 22.49 -7.46 13.97
N TYR C 91 22.93 -7.06 12.79
CA TYR C 91 23.80 -5.93 12.62
C TYR C 91 23.21 -5.03 11.55
N LEU C 92 23.47 -3.73 11.71
CA LEU C 92 23.03 -2.69 10.80
C LEU C 92 24.27 -1.99 10.32
N THR C 93 24.58 -2.16 9.04
CA THR C 93 25.73 -1.49 8.44
C THR C 93 25.30 -0.15 7.88
N HIS C 94 26.14 0.86 8.06
CA HIS C 94 25.78 2.21 7.71
C HIS C 94 27.00 2.96 7.12
N ARG C 95 26.73 3.76 6.11
CA ARG C 95 27.73 4.50 5.38
C ARG C 95 27.26 5.94 5.31
N ARG D 4 -36.88 -12.98 -10.45
CA ARG D 4 -36.12 -11.70 -10.61
C ARG D 4 -37.04 -10.50 -10.40
N PRO D 5 -36.67 -9.60 -9.49
CA PRO D 5 -37.46 -8.40 -9.20
C PRO D 5 -37.19 -7.18 -10.11
N PHE D 6 -35.93 -6.93 -10.46
CA PHE D 6 -35.58 -5.81 -11.33
C PHE D 6 -35.95 -6.08 -12.80
N VAL D 7 -36.58 -5.08 -13.42
CA VAL D 7 -36.97 -5.14 -14.81
C VAL D 7 -35.75 -5.25 -15.74
N GLU D 8 -34.74 -4.43 -15.50
CA GLU D 8 -33.50 -4.48 -16.27
C GLU D 8 -32.62 -5.57 -15.68
N MET D 9 -32.23 -6.54 -16.52
CA MET D 9 -31.42 -7.65 -16.04
C MET D 9 -30.04 -7.17 -15.57
N TYR D 10 -29.45 -7.93 -14.65
CA TYR D 10 -28.28 -7.48 -13.92
C TYR D 10 -27.01 -7.59 -14.75
N SER D 11 -26.05 -6.75 -14.39
CA SER D 11 -24.67 -6.93 -14.76
C SER D 11 -23.86 -6.54 -13.54
N GLU D 12 -22.76 -7.26 -13.33
CA GLU D 12 -21.69 -6.87 -12.41
C GLU D 12 -21.28 -5.44 -12.76
N ILE D 13 -21.33 -5.15 -14.05
CA ILE D 13 -20.88 -3.90 -14.62
C ILE D 13 -22.00 -2.88 -14.54
N PRO D 14 -21.78 -1.82 -13.77
CA PRO D 14 -22.80 -0.78 -13.56
C PRO D 14 -23.26 -0.11 -14.84
N GLU D 15 -24.49 0.41 -14.79
CA GLU D 15 -25.04 1.30 -15.80
C GLU D 15 -24.59 2.72 -15.45
N ILE D 16 -24.06 3.43 -16.43
CA ILE D 16 -23.61 4.81 -16.28
C ILE D 16 -24.75 5.84 -16.33
N ILE D 17 -24.92 6.57 -15.23
CA ILE D 17 -25.86 7.68 -15.14
C ILE D 17 -25.11 9.01 -15.01
N HIS D 18 -25.44 9.97 -15.86
CA HIS D 18 -24.86 11.31 -15.79
C HIS D 18 -25.72 12.22 -14.92
N MET D 19 -25.07 13.00 -14.06
CA MET D 19 -25.78 13.86 -13.12
C MET D 19 -25.04 15.16 -12.92
N THR D 20 -25.72 16.12 -12.30
CA THR D 20 -25.10 17.39 -11.93
C THR D 20 -25.55 17.80 -10.55
N GLU D 21 -24.65 18.44 -9.82
CA GLU D 21 -24.99 18.95 -8.49
C GLU D 21 -26.17 19.88 -8.64
N GLY D 22 -27.14 19.73 -7.74
CA GLY D 22 -28.34 20.57 -7.74
C GLY D 22 -29.57 19.97 -8.38
N ARG D 23 -29.41 19.34 -9.54
CA ARG D 23 -30.52 18.78 -10.30
C ARG D 23 -30.88 17.34 -9.91
N GLU D 24 -32.16 17.00 -10.07
CA GLU D 24 -32.73 15.71 -9.66
C GLU D 24 -31.92 14.52 -10.16
N LEU D 25 -31.87 13.46 -9.37
CA LEU D 25 -31.16 12.25 -9.80
C LEU D 25 -32.01 11.00 -9.68
N VAL D 26 -32.11 10.26 -10.78
CA VAL D 26 -32.93 9.06 -10.82
C VAL D 26 -32.05 7.81 -10.92
N ILE D 27 -32.13 6.96 -9.90
CA ILE D 27 -31.52 5.64 -9.97
C ILE D 27 -32.61 4.70 -10.47
N PRO D 28 -32.59 4.39 -11.77
CA PRO D 28 -33.76 3.80 -12.45
C PRO D 28 -34.02 2.32 -12.16
N CYS D 29 -33.73 1.86 -10.94
CA CYS D 29 -33.90 0.43 -10.65
C CYS D 29 -35.37 0.03 -10.40
N ARG D 30 -36.20 0.11 -11.43
CA ARG D 30 -37.60 -0.33 -11.31
C ARG D 30 -37.75 -1.82 -10.94
N VAL D 31 -38.93 -2.19 -10.41
CA VAL D 31 -39.22 -3.58 -9.96
C VAL D 31 -40.63 -4.08 -10.34
N THR D 32 -40.99 -5.31 -9.91
CA THR D 32 -42.24 -5.97 -10.35
C THR D 32 -43.49 -5.89 -9.42
N SER D 33 -43.30 -5.89 -8.10
CA SER D 33 -44.43 -5.75 -7.16
C SER D 33 -44.18 -4.59 -6.19
N PRO D 34 -45.24 -3.93 -5.73
CA PRO D 34 -45.10 -2.80 -4.80
C PRO D 34 -44.55 -3.28 -3.47
N ASN D 35 -44.89 -4.50 -3.09
CA ASN D 35 -44.48 -5.05 -1.81
C ASN D 35 -43.14 -5.79 -1.87
N ILE D 36 -42.17 -5.16 -2.53
CA ILE D 36 -40.78 -5.65 -2.55
C ILE D 36 -39.83 -4.61 -2.00
N THR D 37 -39.08 -5.02 -0.96
CA THR D 37 -38.15 -4.16 -0.23
C THR D 37 -36.84 -4.06 -0.95
N VAL D 38 -36.43 -2.83 -1.28
CA VAL D 38 -35.20 -2.54 -2.02
C VAL D 38 -34.28 -1.56 -1.28
N THR D 39 -33.06 -1.99 -1.00
CA THR D 39 -32.08 -1.18 -0.30
C THR D 39 -31.27 -0.40 -1.33
N LEU D 40 -31.03 0.87 -1.06
CA LEU D 40 -30.13 1.64 -1.90
C LEU D 40 -28.78 1.81 -1.22
N LYS D 41 -27.74 1.22 -1.80
CA LYS D 41 -26.42 1.31 -1.21
C LYS D 41 -25.48 2.15 -2.06
N LYS D 42 -24.57 2.85 -1.39
CA LYS D 42 -23.51 3.59 -2.08
C LYS D 42 -22.11 3.24 -1.55
N PHE D 43 -21.22 2.84 -2.47
CA PHE D 43 -19.88 2.32 -2.10
C PHE D 43 -19.04 3.39 -1.39
N PRO D 44 -18.28 3.00 -0.34
CA PRO D 44 -18.23 1.63 0.17
C PRO D 44 -19.35 1.16 1.10
N LEU D 45 -19.82 2.02 2.01
CA LEU D 45 -20.67 1.53 3.10
C LEU D 45 -21.93 2.32 3.47
N ASP D 46 -22.30 3.31 2.66
CA ASP D 46 -23.51 4.09 2.95
C ASP D 46 -24.80 3.36 2.48
N THR D 47 -25.84 3.41 3.30
CA THR D 47 -27.18 2.99 2.88
C THR D 47 -28.00 4.27 2.85
N LEU D 48 -28.59 4.58 1.69
CA LEU D 48 -29.52 5.71 1.60
C LEU D 48 -30.93 5.21 1.91
N ILE D 49 -31.42 5.61 3.08
CA ILE D 49 -32.70 5.14 3.58
C ILE D 49 -33.82 6.06 3.10
N PRO D 50 -34.80 5.50 2.40
CA PRO D 50 -36.00 6.24 1.98
C PRO D 50 -36.77 6.87 3.15
N ASP D 51 -36.81 8.21 3.16
CA ASP D 51 -37.46 8.97 4.22
C ASP D 51 -38.84 9.48 3.84
N GLY D 52 -39.06 9.67 2.53
CA GLY D 52 -40.34 10.14 2.02
C GLY D 52 -40.39 11.60 1.60
N LYS D 53 -39.22 12.24 1.39
CA LYS D 53 -39.16 13.63 0.92
C LYS D 53 -37.93 14.08 0.10
N ARG D 54 -36.75 13.58 0.45
CA ARG D 54 -35.56 13.74 -0.41
C ARG D 54 -35.19 12.44 -1.13
N ILE D 55 -35.29 11.32 -0.40
CA ILE D 55 -35.13 9.98 -0.95
C ILE D 55 -36.51 9.31 -0.99
N ILE D 56 -37.19 9.42 -2.13
CA ILE D 56 -38.46 8.72 -2.32
C ILE D 56 -38.23 7.41 -3.05
N TRP D 57 -38.79 6.34 -2.50
CA TRP D 57 -38.71 5.05 -3.13
C TRP D 57 -39.97 4.78 -3.94
N ASP D 58 -39.81 4.85 -5.26
CA ASP D 58 -40.88 4.57 -6.23
C ASP D 58 -40.56 3.23 -6.88
N SER D 59 -41.46 2.28 -6.68
CA SER D 59 -41.38 0.93 -7.24
C SER D 59 -41.46 0.88 -8.79
N ARG D 60 -41.91 1.98 -9.41
CA ARG D 60 -42.02 2.10 -10.89
C ARG D 60 -40.91 2.94 -11.54
N LYS D 61 -40.14 3.68 -10.73
CA LYS D 61 -39.08 4.56 -11.24
C LYS D 61 -37.72 4.13 -10.68
N GLY D 62 -37.71 3.78 -9.40
CA GLY D 62 -36.49 3.49 -8.66
C GLY D 62 -36.43 4.38 -7.43
N PHE D 63 -35.26 4.96 -7.20
CA PHE D 63 -35.08 5.97 -6.16
C PHE D 63 -34.95 7.32 -6.86
N ILE D 64 -35.72 8.31 -6.41
CA ILE D 64 -35.58 9.69 -6.92
C ILE D 64 -34.93 10.56 -5.84
N ILE D 65 -33.85 11.23 -6.24
CA ILE D 65 -33.08 12.12 -5.35
C ILE D 65 -33.17 13.58 -5.81
N SER D 66 -33.80 14.41 -4.99
CA SER D 66 -33.85 15.85 -5.22
C SER D 66 -32.65 16.49 -4.53
N ASN D 67 -31.92 17.34 -5.28
CA ASN D 67 -30.66 17.91 -4.83
C ASN D 67 -29.57 16.84 -4.70
N ALA D 68 -28.89 16.55 -5.81
CA ALA D 68 -27.78 15.61 -5.77
C ALA D 68 -26.50 16.35 -5.33
N THR D 69 -26.02 16.04 -4.12
CA THR D 69 -24.77 16.61 -3.66
C THR D 69 -23.63 15.72 -4.14
N TYR D 70 -22.40 16.02 -3.71
CA TYR D 70 -21.23 15.21 -4.08
C TYR D 70 -21.34 13.83 -3.44
N LYS D 71 -22.10 13.74 -2.37
CA LYS D 71 -22.23 12.50 -1.60
C LYS D 71 -22.91 11.40 -2.43
N GLU D 72 -23.48 11.77 -3.58
CA GLU D 72 -24.18 10.82 -4.48
C GLU D 72 -23.34 10.38 -5.70
N ILE D 73 -22.12 10.91 -5.83
CA ILE D 73 -21.20 10.58 -6.92
C ILE D 73 -20.44 9.28 -6.61
N GLY D 74 -20.48 8.32 -7.52
CA GLY D 74 -19.75 7.07 -7.35
C GLY D 74 -20.53 5.85 -7.82
N LEU D 75 -20.25 4.70 -7.18
CA LEU D 75 -20.90 3.41 -7.48
C LEU D 75 -22.09 3.10 -6.53
N LEU D 76 -23.31 3.14 -7.06
CA LEU D 76 -24.50 2.84 -6.27
C LEU D 76 -25.10 1.50 -6.66
N THR D 77 -25.75 0.85 -5.70
CA THR D 77 -26.35 -0.46 -5.93
C THR D 77 -27.74 -0.54 -5.30
N CYS D 78 -28.69 -1.06 -6.09
CA CYS D 78 -29.97 -1.42 -5.55
C CYS D 78 -29.96 -2.90 -5.21
N GLU D 79 -30.38 -3.23 -4.00
CA GLU D 79 -30.39 -4.60 -3.55
C GLU D 79 -31.82 -4.96 -3.21
N ALA D 80 -32.18 -6.22 -3.48
CA ALA D 80 -33.41 -6.88 -2.96
C ALA D 80 -33.24 -8.41 -2.84
N THR D 81 -33.82 -8.99 -1.79
CA THR D 81 -33.77 -10.45 -1.57
C THR D 81 -35.13 -11.09 -1.85
N VAL D 82 -35.18 -12.02 -2.82
CA VAL D 82 -36.41 -12.71 -3.19
C VAL D 82 -36.21 -14.23 -3.26
N ASN D 83 -36.91 -14.97 -2.41
CA ASN D 83 -36.89 -16.43 -2.46
C ASN D 83 -35.50 -17.00 -2.10
N GLY D 84 -34.89 -16.43 -1.05
CA GLY D 84 -33.61 -16.90 -0.51
C GLY D 84 -32.36 -16.49 -1.29
N HIS D 85 -32.51 -15.53 -2.18
CA HIS D 85 -31.44 -15.09 -3.07
C HIS D 85 -31.35 -13.55 -3.09
N LEU D 86 -30.12 -13.03 -3.12
CA LEU D 86 -29.86 -11.58 -3.09
C LEU D 86 -29.61 -11.04 -4.50
N TYR D 87 -30.39 -10.03 -4.89
CA TYR D 87 -30.31 -9.45 -6.24
C TYR D 87 -29.79 -8.01 -6.22
N LYS D 88 -28.85 -7.69 -7.11
CA LYS D 88 -28.24 -6.36 -7.16
C LYS D 88 -28.30 -5.71 -8.57
N THR D 89 -28.41 -4.39 -8.61
CA THR D 89 -28.23 -3.67 -9.87
C THR D 89 -27.38 -2.48 -9.64
N ASN D 90 -26.34 -2.36 -10.46
CA ASN D 90 -25.30 -1.37 -10.25
C ASN D 90 -25.40 -0.16 -11.15
N TYR D 91 -25.02 0.98 -10.59
CA TYR D 91 -25.04 2.23 -11.32
C TYR D 91 -23.78 3.04 -11.01
N LEU D 92 -23.31 3.79 -11.99
CA LEU D 92 -22.20 4.69 -11.80
C LEU D 92 -22.59 6.14 -12.12
N THR D 93 -22.48 7.05 -11.15
CA THR D 93 -22.81 8.47 -11.39
C THR D 93 -21.57 9.25 -11.80
N HIS D 94 -21.69 10.03 -12.86
CA HIS D 94 -20.55 10.72 -13.46
C HIS D 94 -20.89 12.19 -13.85
N ARG D 95 -20.30 13.14 -13.11
CA ARG D 95 -20.53 14.58 -13.29
C ARG D 95 -19.50 15.23 -14.22
#